data_4PY6
#
_entry.id   4PY6
#
_cell.length_a   74.324
_cell.length_b   84.269
_cell.length_c   219.724
_cell.angle_alpha   90.000
_cell.angle_beta   90.000
_cell.angle_gamma   90.000
#
_symmetry.space_group_name_H-M   'I 2 2 2'
#
loop_
_entity.id
_entity.type
_entity.pdbx_description
1 polymer 'Bromodomain protein, putative'
2 non-polymer 4-{[(7R)-8-cyclopentyl-7-ethyl-5-methyl-6-oxo-5,6,7,8-tetrahydropteridin-2-yl]amino}-3-methoxy-N-(1-methylpiperidin-4-yl)benzamide
3 non-polymer 1,2-ETHANEDIOL
4 water water
#
_entity_poly.entity_id   1
_entity_poly.type   'polypeptide(L)'
_entity_poly.pdbx_seq_one_letter_code
;GYNGDEKSVSKAENSNKRLLKQWEKILRDNVLKLLKNDNNAFYFKTPVLEDININDNIKEEYRIKIKKPMDYITISRNLS
DGIYKEPIDFYHDMKLIYKNCIDFNPDIEENKYIIEAAKSSDMKFEFLWNKWKEKINNNFCDLNN
;
_entity_poly.pdbx_strand_id   A,B,C,D
#
# COMPACT_ATOMS: atom_id res chain seq x y z
N GLU A 13 -4.86 9.23 -6.87
CA GLU A 13 -5.73 10.14 -7.60
C GLU A 13 -5.47 11.61 -7.30
N ASN A 14 -5.24 11.96 -6.01
CA ASN A 14 -4.97 13.32 -5.54
C ASN A 14 -3.69 13.89 -6.14
N SER A 15 -3.69 15.21 -6.41
CA SER A 15 -2.55 15.93 -6.99
C SER A 15 -1.41 16.03 -5.97
N ASN A 16 -0.19 15.67 -6.39
CA ASN A 16 0.99 15.70 -5.53
C ASN A 16 1.85 16.93 -5.86
N LYS A 17 1.91 17.88 -4.90
CA LYS A 17 2.67 19.12 -5.04
C LYS A 17 4.12 18.98 -4.56
N ARG A 18 4.48 17.80 -3.99
CA ARG A 18 5.83 17.50 -3.52
C ARG A 18 6.80 17.46 -4.70
N LEU A 19 7.87 18.26 -4.62
CA LEU A 19 8.87 18.35 -5.68
C LEU A 19 9.77 17.12 -5.68
N LEU A 20 9.72 16.36 -6.80
CA LEU A 20 10.51 15.15 -6.99
C LEU A 20 11.97 15.50 -7.19
N LYS A 21 12.88 14.68 -6.64
CA LYS A 21 14.33 14.85 -6.81
C LYS A 21 14.67 14.46 -8.24
N GLN A 22 15.79 14.97 -8.79
CA GLN A 22 16.19 14.68 -10.16
C GLN A 22 16.34 13.18 -10.44
N TRP A 23 16.89 12.39 -9.48
CA TRP A 23 17.03 10.94 -9.64
C TRP A 23 15.67 10.24 -9.70
N GLU A 24 14.67 10.74 -8.93
CA GLU A 24 13.29 10.24 -8.90
C GLU A 24 12.59 10.50 -10.24
N LYS A 25 12.90 11.65 -10.88
CA LYS A 25 12.35 12.06 -12.19
C LYS A 25 12.85 11.16 -13.32
N ILE A 26 14.14 10.72 -13.26
CA ILE A 26 14.77 9.84 -14.24
C ILE A 26 14.10 8.46 -14.20
N LEU A 27 13.84 7.94 -12.97
CA LEU A 27 13.17 6.64 -12.79
C LEU A 27 11.74 6.68 -13.30
N ARG A 28 11.04 7.80 -13.06
CA ARG A 28 9.65 8.02 -13.46
C ARG A 28 9.47 8.15 -14.97
N ASP A 29 10.23 9.06 -15.62
CA ASP A 29 10.09 9.35 -17.05
C ASP A 29 10.94 8.55 -18.03
N ASN A 30 12.14 8.12 -17.61
CA ASN A 30 13.06 7.39 -18.49
C ASN A 30 13.09 5.86 -18.29
N VAL A 31 12.57 5.36 -17.16
CA VAL A 31 12.56 3.93 -16.88
C VAL A 31 11.12 3.39 -16.79
N LEU A 32 10.36 3.83 -15.76
CA LEU A 32 8.98 3.41 -15.49
C LEU A 32 7.98 3.76 -16.61
N LYS A 33 8.03 5.01 -17.14
CA LYS A 33 7.13 5.50 -18.19
C LYS A 33 7.11 4.62 -19.45
N LEU A 34 8.28 4.09 -19.83
CA LEU A 34 8.43 3.23 -21.01
C LEU A 34 8.02 1.77 -20.76
N LEU A 35 7.83 1.38 -19.48
CA LEU A 35 7.44 0.04 -19.08
C LEU A 35 5.98 -0.08 -18.62
N LYS A 36 5.47 0.91 -17.86
CA LYS A 36 4.12 0.95 -17.28
C LYS A 36 2.94 0.91 -18.28
N ASN A 37 3.17 1.26 -19.56
CA ASN A 37 2.12 1.25 -20.58
C ASN A 37 2.49 0.50 -21.88
N ASP A 38 3.49 -0.41 -21.80
CA ASP A 38 3.92 -1.20 -22.95
C ASP A 38 2.99 -2.39 -23.26
N ASN A 39 3.31 -3.18 -24.29
CA ASN A 39 2.52 -4.35 -24.72
C ASN A 39 2.49 -5.50 -23.69
N ASN A 40 3.42 -5.48 -22.73
CA ASN A 40 3.52 -6.50 -21.67
C ASN A 40 3.17 -5.96 -20.26
N ALA A 41 2.63 -4.73 -20.19
CA ALA A 41 2.27 -4.05 -18.94
C ALA A 41 0.94 -4.46 -18.31
N PHE A 42 -0.09 -4.77 -19.15
CA PHE A 42 -1.46 -5.15 -18.81
C PHE A 42 -1.67 -5.86 -17.45
N TYR A 43 -0.94 -6.95 -17.20
CA TYR A 43 -1.04 -7.75 -15.99
C TYR A 43 -0.30 -7.19 -14.77
N PHE A 44 0.56 -6.17 -14.96
CA PHE A 44 1.37 -5.60 -13.88
C PHE A 44 1.02 -4.15 -13.48
N LYS A 45 -0.07 -3.59 -14.04
CA LYS A 45 -0.53 -2.23 -13.78
C LYS A 45 -1.09 -2.02 -12.36
N THR A 46 -2.21 -2.70 -12.02
CA THR A 46 -2.90 -2.58 -10.72
C THR A 46 -2.59 -3.75 -9.76
N PRO A 47 -2.75 -3.59 -8.41
CA PRO A 47 -2.44 -4.71 -7.49
C PRO A 47 -3.36 -5.91 -7.62
N VAL A 48 -2.77 -7.11 -7.46
CA VAL A 48 -3.43 -8.42 -7.55
C VAL A 48 -4.54 -8.61 -6.51
N LEU A 49 -4.22 -8.36 -5.23
CA LEU A 49 -5.13 -8.55 -4.09
C LEU A 49 -6.37 -7.66 -4.06
N GLU A 50 -6.35 -6.53 -4.81
CA GLU A 50 -7.49 -5.61 -4.89
C GLU A 50 -8.11 -5.51 -6.30
N ASP A 51 -7.76 -6.46 -7.19
CA ASP A 51 -8.26 -6.51 -8.57
C ASP A 51 -9.52 -7.38 -8.67
N ILE A 52 -10.63 -6.75 -9.10
CA ILE A 52 -11.96 -7.38 -9.25
C ILE A 52 -12.06 -8.47 -10.33
N ASN A 53 -11.14 -8.48 -11.31
CA ASN A 53 -11.13 -9.44 -12.40
C ASN A 53 -10.58 -10.83 -12.02
N ILE A 54 -9.80 -10.92 -10.93
CA ILE A 54 -9.25 -12.19 -10.43
C ILE A 54 -10.21 -12.77 -9.38
N ASN A 55 -10.42 -14.11 -9.40
CA ASN A 55 -11.31 -14.75 -8.43
C ASN A 55 -10.69 -14.80 -7.03
N ASP A 56 -11.54 -14.91 -5.99
CA ASP A 56 -11.15 -14.93 -4.57
C ASP A 56 -10.20 -16.05 -4.16
N ASN A 57 -10.30 -17.22 -4.83
CA ASN A 57 -9.46 -18.40 -4.55
C ASN A 57 -7.98 -18.16 -4.88
N ILE A 58 -7.70 -17.46 -6.00
CA ILE A 58 -6.32 -17.13 -6.42
C ILE A 58 -5.76 -16.01 -5.53
N LYS A 59 -6.62 -15.03 -5.17
CA LYS A 59 -6.27 -13.89 -4.29
C LYS A 59 -5.90 -14.35 -2.87
N GLU A 60 -6.51 -15.45 -2.40
CA GLU A 60 -6.23 -16.04 -1.09
C GLU A 60 -4.86 -16.75 -1.16
N GLU A 61 -4.62 -17.47 -2.28
CA GLU A 61 -3.37 -18.20 -2.57
C GLU A 61 -2.19 -17.23 -2.72
N TYR A 62 -2.42 -16.07 -3.37
CA TYR A 62 -1.41 -15.04 -3.62
C TYR A 62 -0.99 -14.33 -2.33
N ARG A 63 -1.95 -13.99 -1.45
CA ARG A 63 -1.69 -13.31 -0.18
C ARG A 63 -0.89 -14.20 0.79
N ILE A 64 -1.19 -15.50 0.82
CA ILE A 64 -0.51 -16.47 1.70
C ILE A 64 0.91 -16.79 1.20
N LYS A 65 1.08 -16.99 -0.13
CA LYS A 65 2.36 -17.37 -0.73
C LYS A 65 3.35 -16.22 -1.02
N ILE A 66 2.87 -15.10 -1.61
CA ILE A 66 3.73 -13.96 -1.95
C ILE A 66 4.08 -13.12 -0.72
N LYS A 67 5.39 -12.95 -0.46
CA LYS A 67 5.95 -12.19 0.66
C LYS A 67 5.64 -10.70 0.55
N LYS A 68 5.86 -10.11 -0.64
CA LYS A 68 5.61 -8.70 -0.90
C LYS A 68 5.05 -8.52 -2.33
N PRO A 69 3.72 -8.34 -2.48
CA PRO A 69 3.15 -8.13 -3.83
C PRO A 69 3.49 -6.74 -4.36
N MET A 70 3.94 -6.67 -5.63
CA MET A 70 4.32 -5.40 -6.25
C MET A 70 3.70 -5.23 -7.64
N ASP A 71 3.47 -3.96 -8.03
CA ASP A 71 2.86 -3.55 -9.29
C ASP A 71 3.31 -2.14 -9.67
N TYR A 72 3.05 -1.71 -10.93
CA TYR A 72 3.44 -0.39 -11.45
C TYR A 72 2.81 0.80 -10.72
N ILE A 73 1.51 0.71 -10.38
CA ILE A 73 0.80 1.80 -9.68
C ILE A 73 1.32 2.08 -8.27
N THR A 74 1.81 1.03 -7.56
CA THR A 74 2.39 1.15 -6.21
C THR A 74 3.72 1.89 -6.32
N ILE A 75 4.51 1.56 -7.36
CA ILE A 75 5.80 2.17 -7.66
C ILE A 75 5.64 3.64 -8.07
N SER A 76 4.60 3.95 -8.89
CA SER A 76 4.26 5.32 -9.31
C SER A 76 3.89 6.18 -8.09
N ARG A 77 3.19 5.56 -7.12
CA ARG A 77 2.75 6.20 -5.88
CA ARG A 77 2.75 6.18 -5.88
C ARG A 77 3.94 6.43 -4.94
N ASN A 78 4.81 5.40 -4.76
CA ASN A 78 6.01 5.45 -3.90
C ASN A 78 7.03 6.47 -4.38
N LEU A 79 7.23 6.56 -5.72
CA LEU A 79 8.14 7.49 -6.38
C LEU A 79 7.65 8.94 -6.21
N SER A 80 6.32 9.12 -6.18
CA SER A 80 5.64 10.41 -6.00
C SER A 80 5.68 10.88 -4.54
N ASP A 81 5.50 9.94 -3.59
CA ASP A 81 5.47 10.22 -2.15
C ASP A 81 6.85 10.33 -1.48
N GLY A 82 7.90 9.88 -2.18
CA GLY A 82 9.26 9.90 -1.67
C GLY A 82 9.54 8.77 -0.70
N ILE A 83 8.96 7.58 -0.98
CA ILE A 83 9.11 6.36 -0.17
C ILE A 83 10.53 5.79 -0.29
N TYR A 84 11.10 5.82 -1.51
CA TYR A 84 12.45 5.33 -1.77
C TYR A 84 13.50 6.30 -1.27
N LYS A 85 14.44 5.79 -0.45
CA LYS A 85 15.54 6.57 0.13
C LYS A 85 16.77 6.51 -0.76
N GLU A 86 16.86 5.46 -1.58
CA GLU A 86 17.93 5.21 -2.53
C GLU A 86 17.31 4.75 -3.86
N PRO A 87 17.93 5.06 -5.04
CA PRO A 87 17.36 4.59 -6.32
C PRO A 87 17.25 3.07 -6.45
N ILE A 88 18.11 2.31 -5.74
CA ILE A 88 18.14 0.84 -5.72
C ILE A 88 16.86 0.23 -5.13
N ASP A 89 16.17 0.97 -4.23
CA ASP A 89 14.93 0.54 -3.60
C ASP A 89 13.81 0.43 -4.65
N PHE A 90 13.87 1.28 -5.70
CA PHE A 90 12.96 1.28 -6.85
C PHE A 90 13.30 0.07 -7.72
N TYR A 91 14.62 -0.18 -7.95
CA TYR A 91 15.16 -1.30 -8.72
C TYR A 91 14.67 -2.63 -8.15
N HIS A 92 14.76 -2.79 -6.81
CA HIS A 92 14.33 -3.99 -6.09
C HIS A 92 12.83 -4.23 -6.22
N ASP A 93 12.02 -3.14 -6.18
CA ASP A 93 10.56 -3.21 -6.32
C ASP A 93 10.14 -3.56 -7.75
N MET A 94 10.81 -2.97 -8.76
CA MET A 94 10.53 -3.25 -10.17
C MET A 94 10.85 -4.70 -10.48
N LYS A 95 12.00 -5.22 -9.98
CA LYS A 95 12.43 -6.61 -10.14
C LYS A 95 11.48 -7.58 -9.44
N LEU A 96 10.90 -7.15 -8.30
CA LEU A 96 9.96 -7.91 -7.48
C LEU A 96 8.68 -8.26 -8.25
N ILE A 97 8.17 -7.33 -9.10
CA ILE A 97 6.98 -7.53 -9.94
C ILE A 97 7.13 -8.79 -10.80
N TYR A 98 8.24 -8.87 -11.56
CA TYR A 98 8.54 -9.97 -12.47
C TYR A 98 8.92 -11.25 -11.74
N LYS A 99 9.65 -11.14 -10.60
CA LYS A 99 10.05 -12.29 -9.78
C LYS A 99 8.85 -12.97 -9.12
N ASN A 100 7.82 -12.19 -8.71
CA ASN A 100 6.59 -12.71 -8.09
C ASN A 100 5.76 -13.51 -9.07
N CYS A 101 5.74 -13.08 -10.36
CA CYS A 101 4.99 -13.72 -11.43
C CYS A 101 5.56 -15.11 -11.78
N ILE A 102 6.90 -15.24 -11.86
CA ILE A 102 7.57 -16.50 -12.18
C ILE A 102 7.46 -17.51 -11.03
N ASP A 103 7.60 -17.03 -9.78
CA ASP A 103 7.51 -17.87 -8.58
C ASP A 103 6.11 -18.41 -8.27
N PHE A 104 5.07 -17.57 -8.47
CA PHE A 104 3.69 -17.96 -8.20
C PHE A 104 3.05 -18.80 -9.31
N ASN A 105 3.14 -18.34 -10.56
CA ASN A 105 2.54 -19.02 -11.71
C ASN A 105 3.38 -20.21 -12.23
N PRO A 106 2.80 -21.43 -12.30
CA PRO A 106 3.58 -22.58 -12.80
C PRO A 106 3.81 -22.49 -14.31
N ASP A 107 4.99 -22.95 -14.78
CA ASP A 107 5.35 -22.90 -16.20
C ASP A 107 4.55 -23.88 -17.06
N ILE A 108 3.29 -23.49 -17.37
CA ILE A 108 2.34 -24.26 -18.18
C ILE A 108 1.74 -23.41 -19.31
N GLU A 109 1.25 -24.07 -20.38
CA GLU A 109 0.68 -23.47 -21.60
C GLU A 109 -0.37 -22.37 -21.40
N GLU A 110 -1.22 -22.47 -20.37
CA GLU A 110 -2.24 -21.45 -20.08
C GLU A 110 -1.65 -20.15 -19.52
N ASN A 111 -0.45 -20.24 -18.92
CA ASN A 111 0.27 -19.10 -18.35
C ASN A 111 1.43 -18.64 -19.26
N LYS A 112 1.39 -19.03 -20.55
CA LYS A 112 2.41 -18.69 -21.55
C LYS A 112 2.57 -17.19 -21.79
N TYR A 113 1.47 -16.44 -21.93
CA TYR A 113 1.51 -14.99 -22.16
C TYR A 113 2.07 -14.23 -20.96
N ILE A 114 1.55 -14.52 -19.74
CA ILE A 114 1.96 -13.86 -18.50
C ILE A 114 3.43 -14.11 -18.09
N ILE A 115 3.93 -15.35 -18.27
CA ILE A 115 5.32 -15.72 -17.97
C ILE A 115 6.27 -15.02 -18.96
N GLU A 116 5.87 -14.95 -20.24
CA GLU A 116 6.63 -14.28 -21.29
C GLU A 116 6.66 -12.77 -21.06
N ALA A 117 5.50 -12.18 -20.65
CA ALA A 117 5.36 -10.76 -20.34
C ALA A 117 6.24 -10.35 -19.15
N ALA A 118 6.38 -11.23 -18.14
CA ALA A 118 7.20 -10.98 -16.95
C ALA A 118 8.69 -11.09 -17.29
N LYS A 119 9.06 -12.12 -18.07
CA LYS A 119 10.44 -12.36 -18.50
C LYS A 119 10.96 -11.26 -19.43
N SER A 120 10.16 -10.87 -20.44
CA SER A 120 10.52 -9.82 -21.40
C SER A 120 10.63 -8.43 -20.78
N SER A 121 9.71 -8.10 -19.86
CA SER A 121 9.70 -6.80 -19.17
C SER A 121 10.90 -6.66 -18.24
N ASP A 122 11.34 -7.77 -17.62
CA ASP A 122 12.51 -7.85 -16.74
C ASP A 122 13.77 -7.51 -17.54
N MET A 123 13.86 -8.07 -18.77
CA MET A 123 14.98 -7.85 -19.70
C MET A 123 14.96 -6.41 -20.20
N LYS A 124 13.75 -5.87 -20.52
CA LYS A 124 13.55 -4.50 -20.96
C LYS A 124 13.92 -3.50 -19.84
N PHE A 125 13.51 -3.81 -18.58
CA PHE A 125 13.82 -2.98 -17.40
C PHE A 125 15.32 -2.94 -17.13
N GLU A 126 16.00 -4.11 -17.23
CA GLU A 126 17.44 -4.25 -17.01
C GLU A 126 18.25 -3.43 -18.02
N PHE A 127 17.74 -3.32 -19.27
CA PHE A 127 18.37 -2.52 -20.33
C PHE A 127 18.25 -1.04 -19.96
N LEU A 128 17.02 -0.61 -19.59
CA LEU A 128 16.71 0.77 -19.20
C LEU A 128 17.44 1.21 -17.93
N TRP A 129 17.67 0.27 -16.99
CA TRP A 129 18.40 0.54 -15.76
C TRP A 129 19.89 0.69 -16.07
N ASN A 130 20.44 -0.17 -16.96
CA ASN A 130 21.85 -0.14 -17.38
C ASN A 130 22.18 1.12 -18.18
N LYS A 131 21.25 1.55 -19.06
CA LYS A 131 21.36 2.74 -19.90
C LYS A 131 21.36 4.02 -19.06
N TRP A 132 20.56 4.06 -17.97
CA TRP A 132 20.42 5.24 -17.13
C TRP A 132 21.15 5.26 -15.77
N LYS A 133 21.72 4.11 -15.31
CA LYS A 133 22.43 4.00 -14.02
C LYS A 133 23.54 5.03 -13.76
N GLU A 134 24.20 5.50 -14.83
CA GLU A 134 25.28 6.50 -14.78
C GLU A 134 24.70 7.85 -14.30
N LYS A 135 23.64 8.34 -15.00
CA LYS A 135 22.97 9.60 -14.67
C LYS A 135 22.20 9.52 -13.35
N ILE A 136 21.67 8.34 -13.00
CA ILE A 136 20.94 8.07 -11.75
C ILE A 136 21.89 8.24 -10.56
N ASN A 137 23.10 7.62 -10.63
CA ASN A 137 24.14 7.69 -9.60
C ASN A 137 24.68 9.12 -9.47
N ASN A 138 24.85 9.81 -10.62
CA ASN A 138 25.35 11.19 -10.68
C ASN A 138 24.36 12.19 -10.07
N ASN A 139 23.05 11.93 -10.20
CA ASN A 139 21.99 12.79 -9.65
C ASN A 139 21.57 12.40 -8.22
N PHE A 140 22.24 11.40 -7.63
CA PHE A 140 21.96 10.94 -6.27
C PHE A 140 23.16 11.20 -5.36
N CYS A 141 22.91 11.96 -4.28
CA CYS A 141 23.92 12.31 -3.28
C CYS A 141 23.73 11.45 -2.03
N ASP A 142 24.51 10.36 -1.95
CA ASP A 142 24.48 9.39 -0.84
C ASP A 142 25.00 9.98 0.48
N LEU A 143 25.87 11.00 0.40
CA LEU A 143 26.46 11.69 1.55
C LEU A 143 25.51 12.70 2.20
N ASN A 144 24.39 13.04 1.52
CA ASN A 144 23.37 13.96 2.00
C ASN A 144 21.98 13.54 1.54
N SER B 15 8.29 17.29 4.06
CA SER B 15 7.88 15.92 3.78
C SER B 15 7.03 15.85 2.49
N ASN B 16 5.93 15.06 2.50
CA ASN B 16 5.03 14.89 1.36
C ASN B 16 3.95 15.97 1.34
N LYS B 17 3.67 16.55 0.16
CA LYS B 17 2.69 17.61 -0.02
C LYS B 17 1.55 17.22 -0.99
N ARG B 18 0.64 16.36 -0.51
CA ARG B 18 -0.52 15.90 -1.29
C ARG B 18 -1.70 16.85 -1.14
N LEU B 19 -2.39 17.14 -2.24
CA LEU B 19 -3.55 18.02 -2.27
C LEU B 19 -4.82 17.20 -2.02
N LEU B 20 -5.28 17.19 -0.75
CA LEU B 20 -6.45 16.43 -0.30
C LEU B 20 -7.75 17.17 -0.57
N LYS B 21 -8.83 16.40 -0.85
CA LYS B 21 -10.18 16.93 -1.09
C LYS B 21 -10.78 17.37 0.25
N GLN B 22 -11.79 18.27 0.21
CA GLN B 22 -12.47 18.83 1.38
C GLN B 22 -12.96 17.80 2.40
N TRP B 23 -13.55 16.68 1.94
CA TRP B 23 -14.05 15.61 2.82
C TRP B 23 -12.91 14.80 3.45
N GLU B 24 -11.80 14.65 2.71
CA GLU B 24 -10.60 13.93 3.15
C GLU B 24 -9.88 14.71 4.25
N LYS B 25 -9.88 16.07 4.15
CA LYS B 25 -9.27 16.98 5.11
C LYS B 25 -9.95 16.93 6.48
N ILE B 26 -11.29 16.74 6.50
CA ILE B 26 -12.09 16.63 7.73
C ILE B 26 -11.80 15.28 8.39
N LEU B 27 -11.62 14.22 7.58
CA LEU B 27 -11.29 12.87 8.07
C LEU B 27 -9.88 12.80 8.64
N ARG B 28 -8.93 13.52 8.00
CA ARG B 28 -7.52 13.56 8.38
C ARG B 28 -7.29 14.34 9.68
N ASP B 29 -7.84 15.56 9.79
CA ASP B 29 -7.63 16.44 10.95
C ASP B 29 -8.60 16.27 12.12
N ASN B 30 -9.88 15.99 11.84
CA ASN B 30 -10.90 15.87 12.89
C ASN B 30 -11.20 14.44 13.37
N VAL B 31 -10.76 13.41 12.62
CA VAL B 31 -10.99 12.01 12.98
C VAL B 31 -9.66 11.25 13.20
N LEU B 32 -8.90 11.02 12.11
CA LEU B 32 -7.62 10.28 12.10
C LEU B 32 -6.52 10.87 12.99
N LYS B 33 -6.34 12.21 12.96
CA LYS B 33 -5.33 12.95 13.73
C LYS B 33 -5.41 12.69 15.24
N LEU B 34 -6.64 12.56 15.78
CA LEU B 34 -6.89 12.33 17.20
C LEU B 34 -6.74 10.86 17.60
N LEU B 35 -6.73 9.94 16.63
CA LEU B 35 -6.60 8.50 16.86
C LEU B 35 -5.17 7.95 16.67
N LYS B 36 -4.50 8.32 15.56
CA LYS B 36 -3.15 7.85 15.21
C LYS B 36 -2.03 8.25 16.19
N ASN B 37 -2.28 9.24 17.08
CA ASN B 37 -1.31 9.72 18.06
C ASN B 37 -1.71 9.53 19.53
N ASP B 38 -2.86 8.86 19.81
CA ASP B 38 -3.32 8.62 21.18
C ASP B 38 -2.53 7.54 21.95
N ASN B 39 -2.93 7.29 23.21
CA ASN B 39 -2.32 6.32 24.13
C ASN B 39 -2.50 4.85 23.73
N ASN B 40 -3.46 4.56 22.83
CA ASN B 40 -3.77 3.20 22.37
C ASN B 40 -3.34 2.92 20.91
N ALA B 41 -2.78 3.94 20.23
CA ALA B 41 -2.34 3.86 18.83
C ALA B 41 -1.10 3.00 18.62
N PHE B 42 -0.20 2.94 19.62
CA PHE B 42 1.09 2.23 19.67
C PHE B 42 1.23 0.97 18.81
N TYR B 43 0.35 -0.02 19.01
CA TYR B 43 0.38 -1.29 18.27
C TYR B 43 -0.25 -1.23 16.88
N PHE B 44 -1.06 -0.20 16.59
CA PHE B 44 -1.77 -0.08 15.32
C PHE B 44 -1.17 0.96 14.35
N LYS B 45 -0.01 1.55 14.68
CA LYS B 45 0.66 2.57 13.86
C LYS B 45 1.25 2.02 12.56
N THR B 46 2.16 1.04 12.67
CA THR B 46 2.87 0.42 11.53
C THR B 46 2.28 -0.96 11.16
N PRO B 47 2.43 -1.45 9.89
CA PRO B 47 1.88 -2.77 9.54
C PRO B 47 2.51 -3.95 10.29
N VAL B 48 1.67 -4.96 10.58
CA VAL B 48 2.01 -6.20 11.29
C VAL B 48 3.13 -6.99 10.56
N LEU B 49 2.94 -7.25 9.27
CA LEU B 49 3.88 -8.01 8.43
C LEU B 49 5.19 -7.26 8.12
N GLU B 50 5.20 -5.92 8.31
CA GLU B 50 6.37 -5.06 8.08
C GLU B 50 7.18 -4.80 9.37
N ASP B 51 6.55 -5.01 10.54
CA ASP B 51 7.15 -4.80 11.87
C ASP B 51 8.27 -5.80 12.16
N ILE B 52 9.43 -5.30 12.62
CA ILE B 52 10.62 -6.11 12.95
C ILE B 52 10.48 -6.86 14.27
N ASN B 53 9.67 -6.33 15.20
CA ASN B 53 9.44 -6.90 16.53
C ASN B 53 8.60 -8.18 16.54
N ILE B 54 7.83 -8.45 15.46
CA ILE B 54 6.99 -9.64 15.33
C ILE B 54 7.76 -10.73 14.56
N ASN B 55 7.81 -11.96 15.11
CA ASN B 55 8.50 -13.10 14.50
C ASN B 55 7.74 -13.69 13.31
N ASP B 56 8.43 -14.51 12.48
CA ASP B 56 7.89 -15.15 11.29
C ASP B 56 6.75 -16.16 11.56
N ASN B 57 6.73 -16.77 12.77
CA ASN B 57 5.71 -17.74 13.18
C ASN B 57 4.33 -17.09 13.31
N ILE B 58 4.27 -15.92 13.98
CA ILE B 58 3.04 -15.13 14.18
C ILE B 58 2.62 -14.51 12.84
N LYS B 59 3.60 -14.01 12.05
CA LYS B 59 3.41 -13.38 10.74
C LYS B 59 2.72 -14.30 9.73
N GLU B 60 3.08 -15.61 9.73
CA GLU B 60 2.47 -16.60 8.84
C GLU B 60 1.03 -16.89 9.29
N GLU B 61 0.80 -16.98 10.62
CA GLU B 61 -0.53 -17.19 11.22
C GLU B 61 -1.44 -16.00 10.92
N TYR B 62 -0.86 -14.78 10.87
CA TYR B 62 -1.56 -13.54 10.56
C TYR B 62 -2.01 -13.53 9.09
N ARG B 63 -1.15 -14.02 8.18
CA ARG B 63 -1.43 -14.12 6.75
C ARG B 63 -2.56 -15.10 6.43
N ILE B 64 -2.67 -16.19 7.22
CA ILE B 64 -3.70 -17.21 7.08
C ILE B 64 -5.04 -16.69 7.63
N LYS B 65 -5.05 -16.21 8.89
CA LYS B 65 -6.24 -15.72 9.60
C LYS B 65 -6.80 -14.39 9.07
N ILE B 66 -5.94 -13.39 8.84
CA ILE B 66 -6.36 -12.05 8.38
C ILE B 66 -6.40 -11.90 6.87
N LYS B 67 -7.61 -11.64 6.32
CA LYS B 67 -7.88 -11.46 4.90
C LYS B 67 -7.35 -10.11 4.38
N LYS B 68 -7.47 -9.04 5.19
CA LYS B 68 -7.00 -7.70 4.83
C LYS B 68 -6.39 -6.96 6.04
N PRO B 69 -5.03 -6.93 6.17
CA PRO B 69 -4.43 -6.22 7.31
C PRO B 69 -4.49 -4.70 7.13
N MET B 70 -4.66 -3.96 8.23
CA MET B 70 -4.75 -2.50 8.21
C MET B 70 -4.08 -1.86 9.42
N ASP B 71 -3.50 -0.67 9.22
CA ASP B 71 -2.77 0.10 10.22
C ASP B 71 -2.92 1.61 9.97
N TYR B 72 -2.51 2.45 10.93
CA TYR B 72 -2.60 3.91 10.86
C TYR B 72 -1.79 4.58 9.74
N ILE B 73 -0.60 4.03 9.40
CA ILE B 73 0.23 4.62 8.33
C ILE B 73 -0.30 4.34 6.93
N THR B 74 -0.92 3.15 6.73
CA THR B 74 -1.50 2.73 5.44
C THR B 74 -2.73 3.59 5.14
N ILE B 75 -3.63 3.77 6.13
CA ILE B 75 -4.85 4.57 5.99
C ILE B 75 -4.55 6.07 5.77
N SER B 76 -3.48 6.60 6.41
CA SER B 76 -3.05 7.99 6.27
C SER B 76 -2.52 8.24 4.86
N ARG B 77 -1.76 7.27 4.30
CA ARG B 77 -1.22 7.34 2.94
C ARG B 77 -2.35 7.20 1.91
N ASN B 78 -3.31 6.28 2.15
CA ASN B 78 -4.46 6.03 1.27
C ASN B 78 -5.38 7.25 1.17
N LEU B 79 -5.59 7.96 2.29
CA LEU B 79 -6.42 9.16 2.36
C LEU B 79 -5.72 10.35 1.67
N SER B 80 -4.39 10.47 1.83
CA SER B 80 -3.60 11.55 1.23
C SER B 80 -3.42 11.38 -0.27
N ASP B 81 -3.14 10.16 -0.74
CA ASP B 81 -2.95 9.84 -2.16
C ASP B 81 -4.27 9.88 -2.96
N GLY B 82 -5.40 9.81 -2.26
CA GLY B 82 -6.72 9.83 -2.86
C GLY B 82 -7.23 8.48 -3.32
N ILE B 83 -6.82 7.40 -2.61
CA ILE B 83 -7.20 6.02 -2.90
C ILE B 83 -8.70 5.79 -2.62
N TYR B 84 -9.22 6.35 -1.51
CA TYR B 84 -10.63 6.22 -1.13
C TYR B 84 -11.54 7.01 -2.06
N LYS B 85 -12.36 6.28 -2.83
CA LYS B 85 -13.33 6.82 -3.78
C LYS B 85 -14.56 7.32 -3.04
N GLU B 86 -14.81 6.79 -1.83
CA GLU B 86 -15.93 7.10 -0.96
C GLU B 86 -15.50 7.24 0.52
N PRO B 87 -16.18 8.09 1.33
CA PRO B 87 -15.81 8.19 2.77
C PRO B 87 -16.09 6.91 3.56
N ILE B 88 -17.01 6.06 3.07
CA ILE B 88 -17.37 4.79 3.69
C ILE B 88 -16.25 3.74 3.55
N ASP B 89 -15.40 3.87 2.50
CA ASP B 89 -14.26 3.00 2.24
C ASP B 89 -13.18 3.22 3.30
N PHE B 90 -13.06 4.47 3.81
CA PHE B 90 -12.15 4.88 4.88
C PHE B 90 -12.66 4.28 6.19
N TYR B 91 -14.00 4.36 6.41
CA TYR B 91 -14.68 3.84 7.61
C TYR B 91 -14.43 2.34 7.78
N HIS B 92 -14.59 1.57 6.68
CA HIS B 92 -14.38 0.12 6.65
C HIS B 92 -12.95 -0.27 7.00
N ASP B 93 -11.96 0.49 6.51
CA ASP B 93 -10.54 0.26 6.79
C ASP B 93 -10.18 0.63 8.22
N MET B 94 -10.81 1.67 8.80
CA MET B 94 -10.58 2.08 10.19
C MET B 94 -11.12 1.01 11.14
N LYS B 95 -12.34 0.49 10.86
CA LYS B 95 -13.00 -0.56 11.64
C LYS B 95 -12.21 -1.87 11.54
N LEU B 96 -11.54 -2.08 10.39
CA LEU B 96 -10.71 -3.24 10.08
C LEU B 96 -9.50 -3.34 11.01
N ILE B 97 -8.87 -2.20 11.34
CA ILE B 97 -7.70 -2.10 12.24
C ILE B 97 -7.99 -2.82 13.57
N TYR B 98 -9.14 -2.51 14.19
CA TYR B 98 -9.56 -3.03 15.49
C TYR B 98 -10.15 -4.44 15.41
N LYS B 99 -10.98 -4.71 14.38
CA LYS B 99 -11.62 -6.02 14.15
C LYS B 99 -10.57 -7.13 13.95
N ASN B 100 -9.50 -6.85 13.18
CA ASN B 100 -8.40 -7.79 12.93
C ASN B 100 -7.65 -8.18 14.21
N CYS B 101 -7.53 -7.23 15.16
CA CYS B 101 -6.90 -7.41 16.46
C CYS B 101 -7.72 -8.34 17.35
N ILE B 102 -9.05 -8.13 17.39
CA ILE B 102 -10.01 -8.93 18.17
C ILE B 102 -10.11 -10.36 17.63
N ASP B 103 -10.11 -10.51 16.29
CA ASP B 103 -10.20 -11.81 15.61
C ASP B 103 -8.95 -12.69 15.79
N PHE B 104 -7.75 -12.11 15.63
CA PHE B 104 -6.48 -12.82 15.72
C PHE B 104 -6.01 -13.13 17.15
N ASN B 105 -6.00 -12.12 18.04
CA ASN B 105 -5.52 -12.27 19.42
C ASN B 105 -6.57 -12.89 20.36
N PRO B 106 -6.26 -14.03 21.02
CA PRO B 106 -7.24 -14.63 21.95
C PRO B 106 -7.37 -13.86 23.26
N ASP B 107 -8.55 -13.96 23.92
CA ASP B 107 -8.85 -13.27 25.17
C ASP B 107 -8.10 -13.86 26.37
N ILE B 108 -6.86 -13.39 26.59
CA ILE B 108 -5.97 -13.80 27.69
C ILE B 108 -5.28 -12.59 28.36
N GLU B 109 -4.66 -12.83 29.55
CA GLU B 109 -3.95 -11.83 30.36
C GLU B 109 -2.84 -11.11 29.58
N GLU B 110 -2.09 -11.85 28.74
CA GLU B 110 -1.01 -11.33 27.90
C GLU B 110 -1.53 -10.32 26.86
N ASN B 111 -2.70 -10.60 26.27
CA ASN B 111 -3.32 -9.75 25.26
C ASN B 111 -4.39 -8.78 25.79
N LYS B 112 -4.48 -8.61 27.13
CA LYS B 112 -5.44 -7.72 27.78
C LYS B 112 -5.29 -6.27 27.32
N TYR B 113 -4.04 -5.75 27.29
CA TYR B 113 -3.71 -4.39 26.87
C TYR B 113 -4.09 -4.13 25.41
N ILE B 114 -3.68 -5.04 24.49
CA ILE B 114 -3.95 -4.92 23.06
C ILE B 114 -5.44 -5.01 22.68
N ILE B 115 -6.21 -5.92 23.33
CA ILE B 115 -7.64 -6.10 23.10
C ILE B 115 -8.41 -4.86 23.59
N GLU B 116 -8.03 -4.33 24.78
CA GLU B 116 -8.63 -3.14 25.36
C GLU B 116 -8.34 -1.91 24.49
N ALA B 117 -7.10 -1.80 23.97
CA ALA B 117 -6.66 -0.72 23.09
C ALA B 117 -7.49 -0.70 21.80
N ALA B 118 -7.78 -1.90 21.25
CA ALA B 118 -8.58 -2.06 20.03
C ALA B 118 -10.04 -1.72 20.28
N LYS B 119 -10.61 -2.19 21.41
CA LYS B 119 -12.01 -1.94 21.82
C LYS B 119 -12.28 -0.46 22.11
N SER B 120 -11.40 0.17 22.92
CA SER B 120 -11.52 1.59 23.31
C SER B 120 -11.37 2.54 22.11
N SER B 121 -10.41 2.27 21.21
CA SER B 121 -10.17 3.08 20.02
C SER B 121 -11.29 2.93 19.00
N ASP B 122 -11.96 1.75 18.97
CA ASP B 122 -13.12 1.49 18.11
C ASP B 122 -14.30 2.32 18.59
N MET B 123 -14.48 2.45 19.92
CA MET B 123 -15.53 3.24 20.56
C MET B 123 -15.25 4.73 20.39
N LYS B 124 -13.97 5.12 20.46
CA LYS B 124 -13.50 6.49 20.27
C LYS B 124 -13.72 6.91 18.81
N PHE B 125 -13.34 6.05 17.85
CA PHE B 125 -13.51 6.29 16.41
C PHE B 125 -14.99 6.44 16.05
N GLU B 126 -15.88 5.61 16.65
CA GLU B 126 -17.32 5.67 16.41
C GLU B 126 -17.94 7.00 16.82
N PHE B 127 -17.51 7.57 17.97
CA PHE B 127 -17.97 8.88 18.44
C PHE B 127 -17.51 9.95 17.45
N LEU B 128 -16.23 9.90 17.04
CA LEU B 128 -15.62 10.83 16.09
C LEU B 128 -16.22 10.75 14.69
N TRP B 129 -16.56 9.52 14.23
CA TRP B 129 -17.18 9.30 12.93
C TRP B 129 -18.59 9.88 12.91
N ASN B 130 -19.42 9.55 13.93
CA ASN B 130 -20.80 10.02 14.06
C ASN B 130 -20.94 11.54 14.22
N LYS B 131 -19.93 12.18 14.83
CA LYS B 131 -19.87 13.62 15.06
C LYS B 131 -19.62 14.37 13.75
N TRP B 132 -18.82 13.77 12.84
CA TRP B 132 -18.44 14.39 11.58
C TRP B 132 -19.05 13.83 10.28
N LYS B 133 -19.58 12.58 10.29
CA LYS B 133 -20.15 11.91 9.09
C LYS B 133 -21.11 12.71 8.21
N GLU B 134 -21.97 13.55 8.82
CA GLU B 134 -22.92 14.39 8.09
C GLU B 134 -22.18 15.41 7.24
N LYS B 135 -21.17 16.10 7.83
CA LYS B 135 -20.35 17.10 7.14
C LYS B 135 -19.49 16.46 6.04
N ILE B 136 -18.82 15.32 6.35
CA ILE B 136 -17.96 14.58 5.40
C ILE B 136 -18.76 14.14 4.16
N ASN B 137 -19.94 13.50 4.37
CA ASN B 137 -20.81 13.04 3.30
C ASN B 137 -21.36 14.20 2.45
N ASN B 138 -21.61 15.37 3.08
CA ASN B 138 -22.11 16.56 2.40
C ASN B 138 -21.08 17.14 1.43
N ASN B 139 -19.82 17.39 1.88
CA ASN B 139 -18.78 17.93 1.00
C ASN B 139 -18.23 16.94 -0.03
N PHE B 140 -18.44 15.63 0.19
CA PHE B 140 -18.06 14.60 -0.78
C PHE B 140 -19.06 14.63 -1.94
N CYS B 141 -20.33 14.94 -1.62
CA CYS B 141 -21.44 15.04 -2.54
C CYS B 141 -21.51 16.40 -3.25
N ASP B 142 -21.57 17.49 -2.47
CA ASP B 142 -21.72 18.87 -2.95
C ASP B 142 -20.48 19.57 -3.52
N LEU B 143 -19.26 19.13 -3.12
CA LEU B 143 -18.03 19.77 -3.60
C LEU B 143 -17.20 18.98 -4.61
N ASN B 144 -16.34 19.69 -5.37
CA ASN B 144 -15.43 19.15 -6.38
C ASN B 144 -14.01 19.02 -5.84
N ASN B 145 -13.55 20.01 -5.05
CA ASN B 145 -12.20 20.04 -4.45
C ASN B 145 -12.11 19.18 -3.20
N LYS C 17 21.91 -32.29 -43.51
CA LYS C 17 21.88 -30.98 -42.85
C LYS C 17 23.26 -30.55 -42.37
N ARG C 18 23.59 -29.27 -42.55
CA ARG C 18 24.86 -28.66 -42.16
C ARG C 18 24.99 -28.58 -40.63
N LEU C 19 26.17 -28.97 -40.09
CA LEU C 19 26.48 -28.91 -38.67
C LEU C 19 26.87 -27.49 -38.28
N LEU C 20 26.10 -26.88 -37.37
CA LEU C 20 26.30 -25.51 -36.90
C LEU C 20 27.50 -25.38 -35.96
N LYS C 21 28.16 -24.20 -35.99
CA LYS C 21 29.28 -23.86 -35.12
C LYS C 21 28.75 -23.60 -33.71
N GLN C 22 29.58 -23.75 -32.67
CA GLN C 22 29.17 -23.54 -31.27
C GLN C 22 28.61 -22.15 -31.01
N TRP C 23 29.25 -21.09 -31.55
CA TRP C 23 28.77 -19.72 -31.39
C TRP C 23 27.43 -19.48 -32.10
N GLU C 24 27.19 -20.18 -33.24
CA GLU C 24 25.93 -20.12 -33.99
C GLU C 24 24.79 -20.74 -33.17
N LYS C 25 25.08 -21.84 -32.43
CA LYS C 25 24.14 -22.54 -31.56
C LYS C 25 23.71 -21.68 -30.37
N ILE C 26 24.66 -20.89 -29.81
CA ILE C 26 24.43 -19.97 -28.68
C ILE C 26 23.47 -18.85 -29.11
N LEU C 27 23.65 -18.31 -30.34
CA LEU C 27 22.80 -17.25 -30.89
C LEU C 27 21.39 -17.77 -31.19
N ARG C 28 21.29 -19.04 -31.63
CA ARG C 28 20.04 -19.72 -31.97
C ARG C 28 19.22 -20.06 -30.73
N ASP C 29 19.82 -20.78 -29.76
CA ASP C 29 19.14 -21.27 -28.55
C ASP C 29 19.01 -20.28 -27.41
N ASN C 30 19.99 -19.39 -27.19
CA ASN C 30 19.99 -18.46 -26.07
C ASN C 30 19.55 -17.01 -26.39
N VAL C 31 19.58 -16.60 -27.67
CA VAL C 31 19.21 -15.24 -28.05
C VAL C 31 17.93 -15.22 -28.92
N LEU C 32 18.01 -15.80 -30.14
CA LEU C 32 16.92 -15.84 -31.12
C LEU C 32 15.68 -16.59 -30.65
N LYS C 33 15.85 -17.76 -29.99
CA LYS C 33 14.77 -18.61 -29.48
C LYS C 33 13.82 -17.86 -28.52
N LEU C 34 14.39 -17.04 -27.63
CA LEU C 34 13.65 -16.26 -26.64
C LEU C 34 12.94 -15.02 -27.24
N LEU C 35 13.33 -14.62 -28.47
CA LEU C 35 12.77 -13.47 -29.18
C LEU C 35 11.80 -13.83 -30.29
N LYS C 36 12.08 -14.90 -31.07
CA LYS C 36 11.24 -15.33 -32.19
C LYS C 36 9.83 -15.83 -31.83
N ASN C 37 9.60 -16.19 -30.56
CA ASN C 37 8.31 -16.69 -30.09
C ASN C 37 7.72 -15.87 -28.92
N ASP C 38 8.19 -14.63 -28.72
CA ASP C 38 7.67 -13.76 -27.65
C ASP C 38 6.38 -13.03 -28.03
N ASN C 39 5.82 -12.24 -27.10
CA ASN C 39 4.57 -11.48 -27.27
C ASN C 39 4.63 -10.34 -28.32
N ASN C 40 5.84 -9.92 -28.71
CA ASN C 40 6.05 -8.86 -29.70
C ASN C 40 6.59 -9.37 -31.05
N ALA C 41 6.87 -10.68 -31.15
CA ALA C 41 7.43 -11.36 -32.33
C ALA C 41 6.57 -11.36 -33.58
N PHE C 42 5.22 -11.45 -33.42
CA PHE C 42 4.19 -11.51 -34.46
C PHE C 42 4.51 -10.87 -35.82
N TYR C 43 4.80 -9.56 -35.84
CA TYR C 43 5.09 -8.80 -37.05
C TYR C 43 6.50 -9.00 -37.62
N PHE C 44 7.44 -9.51 -36.80
CA PHE C 44 8.83 -9.69 -37.20
C PHE C 44 9.22 -11.15 -37.54
N LYS C 45 8.23 -12.07 -37.60
CA LYS C 45 8.43 -13.48 -37.89
C LYS C 45 8.78 -13.78 -39.36
N THR C 46 7.92 -13.35 -40.30
CA THR C 46 8.07 -13.59 -41.74
C THR C 46 8.37 -12.31 -42.54
N PRO C 47 8.94 -12.37 -43.79
CA PRO C 47 9.23 -11.14 -44.53
C PRO C 47 7.99 -10.36 -44.98
N VAL C 48 8.14 -9.02 -45.01
CA VAL C 48 7.12 -8.03 -45.39
C VAL C 48 6.69 -8.19 -46.86
N LEU C 49 7.68 -8.26 -47.77
CA LEU C 49 7.48 -8.36 -49.22
C LEU C 49 6.74 -9.63 -49.70
N GLU C 50 6.71 -10.69 -48.87
CA GLU C 50 6.02 -11.94 -49.21
C GLU C 50 4.84 -12.30 -48.27
N ASP C 51 4.50 -11.40 -47.34
CA ASP C 51 3.38 -11.56 -46.40
C ASP C 51 2.05 -11.27 -47.11
N ILE C 52 1.14 -12.25 -47.11
CA ILE C 52 -0.18 -12.14 -47.76
C ILE C 52 -1.14 -11.11 -47.15
N ASN C 53 -1.00 -10.83 -45.84
CA ASN C 53 -1.86 -9.88 -45.12
C ASN C 53 -1.62 -8.40 -45.48
N ILE C 54 -0.39 -8.04 -45.89
CA ILE C 54 -0.03 -6.67 -46.27
C ILE C 54 -0.39 -6.43 -47.74
N ASN C 55 -1.03 -5.27 -48.03
CA ASN C 55 -1.42 -4.90 -49.39
C ASN C 55 -0.20 -4.47 -50.22
N ASP C 56 -0.28 -4.69 -51.55
CA ASP C 56 0.77 -4.38 -52.53
C ASP C 56 1.27 -2.94 -52.52
N ASN C 57 0.39 -1.97 -52.19
CA ASN C 57 0.73 -0.54 -52.12
C ASN C 57 1.76 -0.23 -51.03
N ILE C 58 1.62 -0.86 -49.85
CA ILE C 58 2.56 -0.70 -48.74
C ILE C 58 3.84 -1.50 -49.07
N LYS C 59 3.66 -2.67 -49.72
CA LYS C 59 4.74 -3.57 -50.15
C LYS C 59 5.71 -2.93 -51.14
N GLU C 60 5.18 -2.23 -52.17
CA GLU C 60 6.00 -1.55 -53.17
C GLU C 60 6.80 -0.37 -52.59
N GLU C 61 6.18 0.38 -51.65
CA GLU C 61 6.80 1.51 -50.95
C GLU C 61 7.90 1.01 -50.01
N TYR C 62 7.73 -0.21 -49.45
CA TYR C 62 8.70 -0.88 -48.57
C TYR C 62 9.90 -1.33 -49.40
N ARG C 63 9.67 -1.77 -50.64
CA ARG C 63 10.71 -2.22 -51.58
C ARG C 63 11.58 -1.04 -52.03
N ILE C 64 10.95 0.15 -52.25
CA ILE C 64 11.63 1.38 -52.66
C ILE C 64 12.45 1.96 -51.51
N LYS C 65 11.80 2.23 -50.35
CA LYS C 65 12.40 2.86 -49.18
C LYS C 65 13.41 2.01 -48.40
N ILE C 66 13.02 0.80 -47.96
CA ILE C 66 13.89 -0.09 -47.16
C ILE C 66 15.04 -0.69 -47.97
N LYS C 67 16.27 -0.45 -47.50
CA LYS C 67 17.52 -0.90 -48.11
C LYS C 67 17.66 -2.43 -48.03
N LYS C 68 17.54 -3.00 -46.83
CA LYS C 68 17.65 -4.43 -46.59
C LYS C 68 16.53 -4.91 -45.64
N PRO C 69 15.48 -5.58 -46.15
CA PRO C 69 14.42 -6.07 -45.25
C PRO C 69 14.91 -7.26 -44.42
N MET C 70 14.49 -7.33 -43.14
CA MET C 70 14.93 -8.40 -42.23
C MET C 70 13.80 -8.89 -41.34
N ASP C 71 13.84 -10.19 -41.00
CA ASP C 71 12.86 -10.90 -40.17
C ASP C 71 13.48 -12.15 -39.51
N TYR C 72 12.80 -12.70 -38.48
CA TYR C 72 13.26 -13.87 -37.72
C TYR C 72 13.49 -15.14 -38.54
N ILE C 73 12.62 -15.43 -39.53
CA ILE C 73 12.78 -16.61 -40.38
C ILE C 73 14.01 -16.52 -41.31
N THR C 74 14.36 -15.28 -41.75
CA THR C 74 15.54 -15.02 -42.60
C THR C 74 16.81 -15.25 -41.76
N ILE C 75 16.83 -14.75 -40.50
CA ILE C 75 17.95 -14.91 -39.57
C ILE C 75 18.13 -16.39 -39.16
N SER C 76 17.02 -17.13 -38.97
CA SER C 76 17.02 -18.56 -38.63
C SER C 76 17.66 -19.37 -39.75
N ARG C 77 17.35 -19.03 -41.01
CA ARG C 77 17.89 -19.66 -42.21
C ARG C 77 19.36 -19.33 -42.38
N ASN C 78 19.73 -18.04 -42.20
CA ASN C 78 21.11 -17.53 -42.31
C ASN C 78 22.05 -18.14 -41.28
N LEU C 79 21.55 -18.37 -40.05
CA LEU C 79 22.32 -18.96 -38.97
C LEU C 79 22.52 -20.47 -39.18
N SER C 80 21.47 -21.17 -39.66
CA SER C 80 21.51 -22.62 -39.92
C SER C 80 22.35 -22.96 -41.16
N ASP C 81 22.21 -22.16 -42.24
CA ASP C 81 22.96 -22.37 -43.48
C ASP C 81 24.42 -21.93 -43.39
N GLY C 82 24.73 -21.05 -42.43
CA GLY C 82 26.08 -20.55 -42.19
C GLY C 82 26.47 -19.32 -42.98
N ILE C 83 25.50 -18.40 -43.20
CA ILE C 83 25.69 -17.15 -43.94
C ILE C 83 26.67 -16.21 -43.22
N TYR C 84 26.50 -16.06 -41.90
CA TYR C 84 27.34 -15.20 -41.08
C TYR C 84 28.70 -15.81 -40.81
N LYS C 85 29.77 -15.04 -41.07
CA LYS C 85 31.15 -15.45 -40.84
C LYS C 85 31.62 -15.02 -39.45
N GLU C 86 30.99 -13.94 -38.92
CA GLU C 86 31.27 -13.39 -37.59
C GLU C 86 29.95 -13.24 -36.80
N PRO C 87 29.97 -13.41 -35.45
CA PRO C 87 28.73 -13.25 -34.67
C PRO C 87 28.09 -11.85 -34.70
N ILE C 88 28.90 -10.82 -35.02
CA ILE C 88 28.47 -9.42 -35.12
C ILE C 88 27.53 -9.18 -36.31
N ASP C 89 27.59 -10.06 -37.34
CA ASP C 89 26.76 -10.00 -38.54
C ASP C 89 25.32 -10.38 -38.18
N PHE C 90 25.15 -11.28 -37.19
CA PHE C 90 23.86 -11.70 -36.63
C PHE C 90 23.28 -10.51 -35.85
N TYR C 91 24.15 -9.83 -35.07
CA TYR C 91 23.83 -8.65 -34.26
C TYR C 91 23.29 -7.51 -35.14
N HIS C 92 24.00 -7.19 -36.24
CA HIS C 92 23.62 -6.14 -37.18
C HIS C 92 22.30 -6.42 -37.88
N ASP C 93 22.04 -7.70 -38.22
CA ASP C 93 20.79 -8.12 -38.87
C ASP C 93 19.62 -8.12 -37.88
N MET C 94 19.87 -8.52 -36.60
CA MET C 94 18.84 -8.54 -35.57
C MET C 94 18.36 -7.12 -35.25
N LYS C 95 19.32 -6.15 -35.17
CA LYS C 95 19.05 -4.73 -34.92
C LYS C 95 18.27 -4.12 -36.10
N LEU C 96 18.58 -4.56 -37.34
CA LEU C 96 17.98 -4.11 -38.60
C LEU C 96 16.45 -4.30 -38.66
N ILE C 97 15.92 -5.41 -38.08
CA ILE C 97 14.48 -5.68 -38.06
C ILE C 97 13.73 -4.54 -37.35
N TYR C 98 14.24 -4.15 -36.17
CA TYR C 98 13.66 -3.10 -35.34
C TYR C 98 13.96 -1.71 -35.89
N LYS C 99 15.08 -1.57 -36.62
CA LYS C 99 15.51 -0.33 -37.26
C LYS C 99 14.60 0.00 -38.46
N ASN C 100 14.33 -0.99 -39.33
CA ASN C 100 13.47 -0.85 -40.52
C ASN C 100 12.03 -0.52 -40.14
N CYS C 101 11.55 -1.03 -38.99
CA CYS C 101 10.20 -0.80 -38.48
C CYS C 101 9.99 0.65 -38.04
N ILE C 102 11.00 1.26 -37.36
CA ILE C 102 10.94 2.64 -36.88
C ILE C 102 11.09 3.64 -38.05
N ASP C 103 12.02 3.36 -38.97
CA ASP C 103 12.31 4.21 -40.14
C ASP C 103 11.16 4.31 -41.15
N PHE C 104 10.42 3.21 -41.37
CA PHE C 104 9.31 3.15 -42.33
C PHE C 104 7.98 3.66 -41.76
N ASN C 105 7.58 3.15 -40.58
CA ASN C 105 6.31 3.49 -39.94
C ASN C 105 6.31 4.84 -39.22
N PRO C 106 5.44 5.80 -39.62
CA PRO C 106 5.38 7.10 -38.93
C PRO C 106 4.81 6.99 -37.52
N ASP C 107 5.27 7.85 -36.58
CA ASP C 107 4.85 7.85 -35.19
C ASP C 107 3.39 8.33 -35.00
N ILE C 108 2.43 7.46 -35.35
CA ILE C 108 0.99 7.71 -35.26
C ILE C 108 0.27 6.71 -34.35
N GLU C 109 -0.98 7.02 -33.94
CA GLU C 109 -1.83 6.21 -33.07
C GLU C 109 -2.13 4.81 -33.64
N GLU C 110 -2.22 4.70 -34.98
CA GLU C 110 -2.48 3.43 -35.67
C GLU C 110 -1.27 2.49 -35.58
N ASN C 111 -0.05 3.05 -35.65
CA ASN C 111 1.21 2.31 -35.58
C ASN C 111 1.80 2.26 -34.17
N LYS C 112 0.98 2.55 -33.14
CA LYS C 112 1.36 2.56 -31.73
C LYS C 112 1.90 1.20 -31.25
N TYR C 113 1.15 0.10 -31.52
CA TYR C 113 1.53 -1.26 -31.12
C TYR C 113 2.83 -1.74 -31.78
N ILE C 114 2.95 -1.55 -33.11
CA ILE C 114 4.10 -1.98 -33.90
C ILE C 114 5.43 -1.26 -33.52
N ILE C 115 5.40 0.08 -33.38
CA ILE C 115 6.57 0.88 -32.99
C ILE C 115 7.06 0.47 -31.59
N GLU C 116 6.13 0.21 -30.66
N GLU C 116 6.13 0.20 -30.67
CA GLU C 116 6.41 -0.24 -29.29
CA GLU C 116 6.40 -0.24 -29.30
C GLU C 116 7.02 -1.65 -29.30
C GLU C 116 7.00 -1.66 -29.29
N ALA C 117 6.47 -2.55 -30.15
CA ALA C 117 6.94 -3.94 -30.31
C ALA C 117 8.37 -4.01 -30.84
N ALA C 118 8.75 -3.06 -31.72
CA ALA C 118 10.09 -2.97 -32.29
C ALA C 118 11.08 -2.43 -31.25
N LYS C 119 10.67 -1.40 -30.49
CA LYS C 119 11.46 -0.75 -29.44
C LYS C 119 11.76 -1.71 -28.28
N SER C 120 10.71 -2.37 -27.74
CA SER C 120 10.83 -3.32 -26.61
C SER C 120 11.67 -4.56 -26.93
N SER C 121 11.55 -5.09 -28.16
CA SER C 121 12.31 -6.26 -28.61
C SER C 121 13.78 -5.92 -28.85
N ASP C 122 14.05 -4.66 -29.25
CA ASP C 122 15.41 -4.12 -29.45
C ASP C 122 16.13 -4.03 -28.11
N MET C 123 15.36 -3.64 -27.05
CA MET C 123 15.86 -3.52 -25.68
C MET C 123 16.11 -4.93 -25.11
N LYS C 124 15.18 -5.88 -25.39
CA LYS C 124 15.27 -7.28 -24.98
C LYS C 124 16.47 -7.97 -25.63
N PHE C 125 16.67 -7.77 -26.96
CA PHE C 125 17.79 -8.35 -27.70
C PHE C 125 19.14 -7.85 -27.16
N GLU C 126 19.24 -6.53 -26.91
CA GLU C 126 20.44 -5.89 -26.37
C GLU C 126 20.85 -6.48 -25.02
N PHE C 127 19.84 -6.86 -24.18
CA PHE C 127 20.06 -7.50 -22.89
C PHE C 127 20.66 -8.89 -23.12
N LEU C 128 20.02 -9.71 -23.98
CA LEU C 128 20.43 -11.07 -24.33
C LEU C 128 21.79 -11.12 -25.02
N TRP C 129 22.11 -10.10 -25.82
CA TRP C 129 23.40 -10.01 -26.50
C TRP C 129 24.51 -9.76 -25.48
N ASN C 130 24.34 -8.75 -24.60
CA ASN C 130 25.27 -8.38 -23.53
C ASN C 130 25.48 -9.49 -22.50
N LYS C 131 24.41 -10.27 -22.23
CA LYS C 131 24.42 -11.39 -21.29
C LYS C 131 25.29 -12.54 -21.79
N TRP C 132 25.18 -12.87 -23.09
CA TRP C 132 25.89 -13.99 -23.72
C TRP C 132 27.19 -13.64 -24.46
N LYS C 133 27.43 -12.34 -24.81
CA LYS C 133 28.61 -11.87 -25.56
C LYS C 133 29.98 -12.40 -25.10
N GLU C 134 30.17 -12.56 -23.77
CA GLU C 134 31.39 -13.07 -23.16
C GLU C 134 31.62 -14.53 -23.58
N LYS C 135 30.54 -15.32 -23.68
CA LYS C 135 30.57 -16.73 -24.10
C LYS C 135 30.60 -16.84 -25.63
N ILE C 136 29.98 -15.86 -26.33
CA ILE C 136 29.92 -15.76 -27.79
C ILE C 136 31.34 -15.51 -28.35
N ASN C 137 32.03 -14.47 -27.83
CA ASN C 137 33.39 -14.06 -28.23
C ASN C 137 34.41 -15.17 -27.94
N ASN C 138 34.23 -15.91 -26.82
CA ASN C 138 35.10 -17.00 -26.40
C ASN C 138 34.98 -18.22 -27.34
N ASN C 139 33.75 -18.52 -27.81
CA ASN C 139 33.47 -19.64 -28.71
C ASN C 139 33.76 -19.35 -30.20
N PHE C 140 34.20 -18.11 -30.50
CA PHE C 140 34.54 -17.68 -31.86
C PHE C 140 36.04 -17.45 -32.01
N CYS C 141 36.64 -18.07 -33.06
CA CYS C 141 38.05 -17.95 -33.38
C CYS C 141 38.22 -16.82 -34.41
N ASP C 142 38.91 -15.74 -34.00
CA ASP C 142 39.14 -14.53 -34.81
C ASP C 142 39.99 -14.78 -36.06
N LEU C 143 41.13 -15.49 -35.93
CA LEU C 143 42.04 -15.78 -37.03
C LEU C 143 41.64 -17.06 -37.77
N ARG D 18 -28.28 0.10 49.45
CA ARG D 18 -27.48 -1.12 49.50
C ARG D 18 -27.69 -1.96 48.24
N LEU D 19 -28.94 -2.42 47.99
CA LEU D 19 -29.29 -3.21 46.82
C LEU D 19 -29.52 -2.26 45.64
N LEU D 20 -28.65 -2.34 44.62
CA LEU D 20 -28.68 -1.48 43.43
C LEU D 20 -29.96 -1.60 42.61
N LYS D 21 -30.47 -0.44 42.14
CA LYS D 21 -31.66 -0.35 41.30
C LYS D 21 -31.30 -0.78 39.87
N GLN D 22 -32.31 -1.13 39.05
CA GLN D 22 -32.14 -1.58 37.66
C GLN D 22 -31.34 -0.61 36.78
N TRP D 23 -31.61 0.71 36.89
CA TRP D 23 -30.91 1.73 36.13
C TRP D 23 -29.47 1.94 36.62
N GLU D 24 -29.22 1.74 37.93
CA GLU D 24 -27.89 1.84 38.55
C GLU D 24 -26.99 0.72 38.08
N LYS D 25 -27.55 -0.49 37.87
CA LYS D 25 -26.84 -1.68 37.41
C LYS D 25 -26.35 -1.55 35.96
N ILE D 26 -27.09 -0.80 35.12
CA ILE D 26 -26.74 -0.55 33.71
C ILE D 26 -25.54 0.42 33.67
N LEU D 27 -25.56 1.46 34.52
CA LEU D 27 -24.48 2.45 34.61
C LEU D 27 -23.18 1.84 35.14
N ARG D 28 -23.30 0.87 36.06
CA ARG D 28 -22.21 0.16 36.72
C ARG D 28 -21.58 -0.93 35.85
N ASP D 29 -22.39 -1.80 35.22
CA ASP D 29 -21.91 -2.92 34.42
C ASP D 29 -21.71 -2.68 32.92
N ASN D 30 -22.46 -1.75 32.31
CA ASN D 30 -22.35 -1.46 30.88
C ASN D 30 -21.58 -0.19 30.54
N VAL D 31 -21.49 0.78 31.49
CA VAL D 31 -20.79 2.05 31.27
C VAL D 31 -19.50 2.15 32.10
N LEU D 32 -19.61 2.10 33.45
CA LEU D 32 -18.49 2.23 34.38
C LEU D 32 -17.48 1.08 34.31
N LYS D 33 -17.96 -0.18 34.24
CA LYS D 33 -17.15 -1.40 34.17
C LYS D 33 -16.13 -1.38 33.02
N LEU D 34 -16.54 -0.86 31.85
CA LEU D 34 -15.68 -0.79 30.65
C LEU D 34 -14.70 0.40 30.68
N LEU D 35 -14.92 1.37 31.58
CA LEU D 35 -14.07 2.56 31.71
C LEU D 35 -13.14 2.53 32.92
N LYS D 36 -13.61 2.03 34.08
CA LYS D 36 -12.84 1.97 35.33
C LYS D 36 -11.58 1.09 35.33
N ASN D 37 -11.46 0.16 34.36
CA ASN D 37 -10.31 -0.75 34.28
C ASN D 37 -9.60 -0.78 32.92
N ASP D 38 -9.85 0.24 32.06
CA ASP D 38 -9.21 0.32 30.74
C ASP D 38 -7.76 0.82 30.79
N ASN D 39 -7.12 1.00 29.61
CA ASN D 39 -5.74 1.46 29.49
C ASN D 39 -5.53 2.92 29.93
N ASN D 40 -6.60 3.74 29.89
CA ASN D 40 -6.56 5.15 30.29
C ASN D 40 -7.17 5.41 31.68
N ALA D 41 -7.48 4.33 32.43
CA ALA D 41 -8.09 4.41 33.77
C ALA D 41 -7.13 4.73 34.91
N PHE D 42 -5.85 4.31 34.78
CA PHE D 42 -4.76 4.44 35.74
C PHE D 42 -4.77 5.66 36.67
N TYR D 43 -4.94 6.87 36.11
CA TYR D 43 -4.95 8.11 36.88
C TYR D 43 -6.32 8.60 37.36
N PHE D 44 -7.41 7.95 36.93
CA PHE D 44 -8.77 8.34 37.31
C PHE D 44 -9.48 7.39 38.30
N LYS D 45 -8.78 6.34 38.75
CA LYS D 45 -9.30 5.33 39.68
C LYS D 45 -9.57 5.88 41.10
N THR D 46 -8.49 6.12 41.87
CA THR D 46 -8.50 6.60 43.24
C THR D 46 -8.58 8.14 43.33
N PRO D 47 -9.08 8.74 44.45
CA PRO D 47 -9.12 10.22 44.54
C PRO D 47 -7.73 10.81 44.72
N VAL D 48 -7.50 12.00 44.12
CA VAL D 48 -6.24 12.75 44.13
C VAL D 48 -5.79 13.12 45.57
N LEU D 49 -6.71 13.71 46.36
CA LEU D 49 -6.44 14.16 47.74
C LEU D 49 -6.18 13.03 48.74
N GLU D 50 -6.61 11.80 48.41
CA GLU D 50 -6.45 10.62 49.26
C GLU D 50 -5.31 9.70 48.80
N ASP D 51 -4.81 9.90 47.57
CA ASP D 51 -3.73 9.13 46.95
C ASP D 51 -2.38 9.35 47.65
N ILE D 52 -1.67 8.26 47.93
CA ILE D 52 -0.35 8.27 48.62
C ILE D 52 0.86 8.41 47.69
N ASN D 53 0.64 8.35 46.35
CA ASN D 53 1.70 8.49 45.35
C ASN D 53 1.87 9.93 44.85
N ILE D 54 0.94 10.83 45.22
CA ILE D 54 0.98 12.26 44.86
C ILE D 54 1.58 13.01 46.07
N ASN D 55 2.51 13.94 45.80
CA ASN D 55 3.14 14.75 46.85
C ASN D 55 2.18 15.82 47.38
N ASP D 56 2.39 16.23 48.65
CA ASP D 56 1.58 17.23 49.36
C ASP D 56 1.45 18.59 48.69
N ASN D 57 2.48 19.00 47.91
CA ASN D 57 2.52 20.27 47.17
C ASN D 57 1.43 20.34 46.08
N ILE D 58 1.30 19.27 45.26
CA ILE D 58 0.30 19.18 44.20
C ILE D 58 -1.12 19.00 44.77
N LYS D 59 -1.25 18.17 45.84
CA LYS D 59 -2.51 17.91 46.55
C LYS D 59 -3.10 19.18 47.17
N GLU D 60 -2.23 20.09 47.66
CA GLU D 60 -2.64 21.38 48.24
C GLU D 60 -3.15 22.32 47.14
N GLU D 61 -2.46 22.33 45.98
CA GLU D 61 -2.82 23.15 44.81
C GLU D 61 -4.12 22.64 44.18
N TYR D 62 -4.38 21.32 44.27
CA TYR D 62 -5.57 20.65 43.75
C TYR D 62 -6.83 21.07 44.52
N ARG D 63 -6.69 21.31 45.84
CA ARG D 63 -7.79 21.73 46.74
C ARG D 63 -8.27 23.14 46.39
N ILE D 64 -7.33 24.05 46.09
CA ILE D 64 -7.60 25.45 45.73
C ILE D 64 -8.17 25.56 44.32
N LYS D 65 -7.55 24.89 43.33
CA LYS D 65 -7.94 24.90 41.93
C LYS D 65 -9.28 24.20 41.65
N ILE D 66 -9.34 22.87 41.88
CA ILE D 66 -10.52 22.04 41.61
C ILE D 66 -11.64 22.24 42.64
N LYS D 67 -12.83 22.64 42.16
CA LYS D 67 -14.02 22.88 42.97
C LYS D 67 -14.60 21.57 43.53
N LYS D 68 -14.79 20.56 42.67
CA LYS D 68 -15.32 19.25 43.06
C LYS D 68 -14.46 18.11 42.48
N PRO D 69 -13.55 17.50 43.28
CA PRO D 69 -12.71 16.40 42.76
C PRO D 69 -13.52 15.11 42.60
N MET D 70 -13.49 14.52 41.39
CA MET D 70 -14.23 13.29 41.08
C MET D 70 -13.32 12.23 40.47
N ASP D 71 -13.59 10.95 40.81
CA ASP D 71 -12.84 9.77 40.37
C ASP D 71 -13.76 8.54 40.20
N TYR D 72 -13.20 7.41 39.70
CA TYR D 72 -13.94 6.17 39.47
C TYR D 72 -14.41 5.46 40.73
N ILE D 73 -13.56 5.36 41.78
CA ILE D 73 -13.91 4.69 43.04
C ILE D 73 -15.03 5.41 43.82
N THR D 74 -15.07 6.76 43.74
CA THR D 74 -16.11 7.57 44.39
C THR D 74 -17.46 7.32 43.71
N ILE D 75 -17.47 7.29 42.36
CA ILE D 75 -18.65 7.04 41.53
C ILE D 75 -19.24 5.64 41.77
N SER D 76 -18.36 4.62 41.91
CA SER D 76 -18.72 3.23 42.18
C SER D 76 -19.43 3.12 43.53
N ARG D 77 -18.98 3.93 44.52
CA ARG D 77 -19.54 4.00 45.87
C ARG D 77 -20.84 4.82 45.90
N ASN D 78 -20.89 5.95 45.14
CA ASN D 78 -22.06 6.82 45.04
C ASN D 78 -23.26 6.09 44.40
N LEU D 79 -22.96 5.19 43.45
CA LEU D 79 -23.93 4.38 42.72
C LEU D 79 -24.48 3.25 43.62
N SER D 80 -23.59 2.62 44.43
CA SER D 80 -23.94 1.53 45.34
C SER D 80 -24.76 1.99 46.56
N ASP D 81 -24.36 3.12 47.19
CA ASP D 81 -25.01 3.69 48.36
C ASP D 81 -26.36 4.37 48.05
N GLY D 82 -26.57 4.73 46.79
CA GLY D 82 -27.79 5.39 46.33
C GLY D 82 -27.76 6.89 46.48
N ILE D 83 -26.57 7.50 46.32
CA ILE D 83 -26.35 8.94 46.42
C ILE D 83 -26.96 9.70 45.24
N TYR D 84 -27.04 9.06 44.05
CA TYR D 84 -27.61 9.64 42.85
C TYR D 84 -29.13 9.56 42.83
N LYS D 85 -29.79 10.69 42.54
CA LYS D 85 -31.25 10.78 42.48
C LYS D 85 -31.76 10.65 41.04
N GLU D 86 -30.88 10.85 40.05
CA GLU D 86 -31.17 10.79 38.61
C GLU D 86 -29.97 10.20 37.85
N PRO D 87 -30.16 9.59 36.65
CA PRO D 87 -28.99 9.09 35.90
C PRO D 87 -28.08 10.21 35.40
N ILE D 88 -28.64 11.42 35.23
CA ILE D 88 -27.91 12.62 34.79
C ILE D 88 -26.83 13.08 35.79
N ASP D 89 -27.04 12.82 37.10
CA ASP D 89 -26.10 13.16 38.16
C ASP D 89 -24.81 12.33 38.03
N PHE D 90 -24.94 11.07 37.57
CA PHE D 90 -23.82 10.15 37.29
C PHE D 90 -23.04 10.70 36.10
N TYR D 91 -23.76 11.13 35.03
CA TYR D 91 -23.22 11.71 33.81
C TYR D 91 -22.39 12.95 34.13
N HIS D 92 -22.93 13.86 34.98
CA HIS D 92 -22.26 15.09 35.40
C HIS D 92 -20.96 14.81 36.15
N ASP D 93 -20.96 13.78 37.01
CA ASP D 93 -19.78 13.36 37.78
C ASP D 93 -18.73 12.70 36.90
N MET D 94 -19.15 11.87 35.92
CA MET D 94 -18.24 11.20 34.98
C MET D 94 -17.52 12.23 34.10
N LYS D 95 -18.27 13.23 33.58
CA LYS D 95 -17.75 14.32 32.75
C LYS D 95 -16.75 15.18 33.53
N LEU D 96 -17.04 15.40 34.83
CA LEU D 96 -16.25 16.18 35.77
C LEU D 96 -14.82 15.63 35.97
N ILE D 97 -14.65 14.28 36.00
CA ILE D 97 -13.33 13.62 36.15
C ILE D 97 -12.39 14.10 35.03
N TYR D 98 -12.84 14.01 33.78
CA TYR D 98 -12.07 14.39 32.59
C TYR D 98 -11.96 15.90 32.44
N LYS D 99 -13.01 16.65 32.86
CA LYS D 99 -13.03 18.12 32.80
C LYS D 99 -12.00 18.71 33.77
N ASN D 100 -11.94 18.20 35.03
CA ASN D 100 -10.98 18.63 36.06
C ASN D 100 -9.53 18.38 35.65
N CYS D 101 -9.30 17.31 34.87
CA CYS D 101 -7.97 16.94 34.35
C CYS D 101 -7.46 17.98 33.36
N ILE D 102 -8.33 18.47 32.46
CA ILE D 102 -8.00 19.50 31.45
C ILE D 102 -7.81 20.87 32.14
N ASP D 103 -8.67 21.20 33.12
CA ASP D 103 -8.62 22.46 33.87
C ASP D 103 -7.36 22.63 34.73
N PHE D 104 -6.93 21.55 35.42
CA PHE D 104 -5.76 21.58 36.31
C PHE D 104 -4.44 21.42 35.56
N ASN D 105 -4.30 20.38 34.72
CA ASN D 105 -3.06 20.09 33.99
C ASN D 105 -2.90 20.94 32.72
N PRO D 106 -1.83 21.78 32.63
CA PRO D 106 -1.63 22.58 31.41
C PRO D 106 -1.12 21.75 30.24
N ASP D 107 -1.48 22.13 29.00
CA ASP D 107 -1.09 21.41 27.79
C ASP D 107 0.41 21.50 27.47
N ILE D 108 1.20 20.63 28.13
CA ILE D 108 2.65 20.50 27.98
C ILE D 108 3.05 19.03 27.81
N GLU D 109 4.27 18.78 27.26
CA GLU D 109 4.82 17.44 26.98
C GLU D 109 4.84 16.49 28.18
N GLU D 110 4.99 17.01 29.41
CA GLU D 110 5.00 16.21 30.63
C GLU D 110 3.61 15.63 30.93
N ASN D 111 2.54 16.37 30.56
CA ASN D 111 1.15 15.98 30.78
C ASN D 111 0.47 15.47 29.50
N LYS D 112 1.26 15.02 28.50
CA LYS D 112 0.80 14.50 27.21
C LYS D 112 -0.12 13.27 27.35
N TYR D 113 0.31 12.27 28.15
CA TYR D 113 -0.44 11.04 28.39
C TYR D 113 -1.78 11.32 29.10
N ILE D 114 -1.73 12.00 30.26
CA ILE D 114 -2.88 12.32 31.10
C ILE D 114 -4.01 13.14 30.42
N ILE D 115 -3.64 14.17 29.62
CA ILE D 115 -4.61 15.01 28.90
C ILE D 115 -5.30 14.19 27.82
N GLU D 116 -4.52 13.36 27.08
CA GLU D 116 -5.03 12.46 26.05
C GLU D 116 -5.89 11.36 26.69
N ALA D 117 -5.49 10.86 27.89
CA ALA D 117 -6.22 9.85 28.65
C ALA D 117 -7.58 10.39 29.09
N ALA D 118 -7.67 11.71 29.36
CA ALA D 118 -8.90 12.38 29.76
C ALA D 118 -9.79 12.61 28.54
N LYS D 119 -9.19 13.02 27.40
CA LYS D 119 -9.89 13.29 26.15
C LYS D 119 -10.43 12.01 25.50
N SER D 120 -9.61 10.93 25.47
CA SER D 120 -9.99 9.64 24.89
C SER D 120 -11.08 8.92 25.69
N SER D 121 -11.00 9.00 27.04
CA SER D 121 -11.98 8.39 27.94
C SER D 121 -13.32 9.12 27.88
N ASP D 122 -13.30 10.45 27.69
CA ASP D 122 -14.48 11.31 27.57
C ASP D 122 -15.28 10.95 26.31
N MET D 123 -14.57 10.71 25.19
CA MET D 123 -15.16 10.32 23.91
C MET D 123 -15.70 8.89 24.00
N LYS D 124 -15.00 8.01 24.74
CA LYS D 124 -15.37 6.62 24.99
C LYS D 124 -16.64 6.58 25.86
N PHE D 125 -16.70 7.46 26.90
CA PHE D 125 -17.84 7.57 27.80
C PHE D 125 -19.07 8.09 27.08
N GLU D 126 -18.92 9.14 26.23
CA GLU D 126 -20.01 9.74 25.46
C GLU D 126 -20.64 8.75 24.48
N PHE D 127 -19.83 7.82 23.92
CA PHE D 127 -20.30 6.76 23.04
C PHE D 127 -21.12 5.75 23.86
N LEU D 128 -20.59 5.32 25.03
CA LEU D 128 -21.24 4.38 25.94
C LEU D 128 -22.52 4.95 26.55
N TRP D 129 -22.54 6.28 26.81
CA TRP D 129 -23.70 6.99 27.35
C TRP D 129 -24.81 7.02 26.29
N ASN D 130 -24.49 7.42 25.04
CA ASN D 130 -25.44 7.47 23.92
C ASN D 130 -26.00 6.10 23.53
N LYS D 131 -25.20 5.04 23.74
CA LYS D 131 -25.56 3.65 23.44
C LYS D 131 -26.62 3.13 24.43
N TRP D 132 -26.57 3.60 25.69
CA TRP D 132 -27.47 3.13 26.74
C TRP D 132 -28.51 4.12 27.28
N LYS D 133 -28.33 5.45 27.08
CA LYS D 133 -29.22 6.49 27.62
C LYS D 133 -30.74 6.30 27.44
N GLU D 134 -31.16 5.66 26.34
CA GLU D 134 -32.58 5.38 26.10
C GLU D 134 -33.06 4.32 27.12
N LYS D 135 -32.26 3.25 27.32
CA LYS D 135 -32.55 2.16 28.25
C LYS D 135 -32.47 2.61 29.72
N ILE D 136 -31.44 3.42 30.08
CA ILE D 136 -31.22 3.93 31.44
C ILE D 136 -32.41 4.79 31.89
N ASN D 137 -32.79 5.78 31.08
CA ASN D 137 -33.91 6.70 31.35
C ASN D 137 -35.26 5.99 31.46
N ASN D 138 -35.48 4.94 30.64
CA ASN D 138 -36.71 4.14 30.66
C ASN D 138 -36.80 3.29 31.93
N ASN D 139 -35.68 2.65 32.32
CA ASN D 139 -35.57 1.80 33.51
C ASN D 139 -35.66 2.60 34.81
N PHE D 140 -35.27 3.87 34.77
CA PHE D 140 -35.33 4.78 35.93
C PHE D 140 -36.76 5.30 36.13
N CYS D 141 -37.46 5.59 35.03
CA CYS D 141 -38.82 6.14 35.02
C CYS D 141 -39.92 5.07 35.17
N ASP D 142 -39.82 3.94 34.45
CA ASP D 142 -40.83 2.88 34.43
C ASP D 142 -40.72 1.76 35.49
N LEU D 143 -39.57 1.65 36.19
CA LEU D 143 -39.37 0.60 37.20
C LEU D 143 -39.18 1.12 38.64
N ASN D 144 -39.49 0.25 39.63
CA ASN D 144 -39.38 0.56 41.07
C ASN D 144 -38.07 0.03 41.66
N ASN D 145 -37.73 -1.24 41.36
CA ASN D 145 -36.53 -1.92 41.86
C ASN D 145 -35.24 -1.36 41.26
#